data_1YGB
#
_entry.id   1YGB
#
_cell.length_a   74.091
_cell.length_b   74.091
_cell.length_c   173.595
_cell.angle_alpha   90.00
_cell.angle_beta   90.00
_cell.angle_gamma   90.00
#
_symmetry.space_group_name_H-M   'P 41 21 2'
#
loop_
_entity.id
_entity.type
_entity.pdbx_description
1 polymer 'Alanyl-tRNA synthetase'
2 non-polymer SERINE
3 water water
#
_entity_poly.entity_id   1
_entity_poly.type   'polypeptide(L)'
_entity_poly.pdbx_seq_one_letter_code
;MSLSAHEIRELFLSFFEKKGHTRVKSAPLVPENDPTLLFVNAGMVPFKNVFLGLEKRPYKRATSCQKCLRVSGKHNDLEQ
VGYTSRHHTFFEMLGNFSFGDYFKKEAIEYAWEFVTEVLKLPKEKLYVSVYKDDEEAYRIWNEHIGIPSERIWRLGEEDN
FWQMGDVGPCGPSSEIYVDRGEEYEGDERYLEIWNLVFMQYNRDENGVLTPLPHPNIDTGMGLERIASVLQGKNSNFEID
IIFPLIQFGEEVSGKKYGEKFETDVALRVIADHLRAITFAISDGVIPSNEGRGYVIRRILRRAMRFGYKLGIENPFLYKG
VDLVVDIMKEPYPELELSREFVKGIVKGEEKRFIKTLKAGMEYIQEVIQKALEEGRKTLSGKEVFTAYDTYGFPVDLIDE
IAREKGLGIDLEGFQCELEEQRERARKHFKVEAKKVKPVYSHLKELGKTSAFVGAAALEHHHHHH
;
_entity_poly.pdbx_strand_id   A
#
# COMPACT_ATOMS: atom_id res chain seq x y z
N SER A 2 15.26 -18.23 10.38
CA SER A 2 14.47 -16.98 10.47
C SER A 2 14.59 -16.21 9.14
N LEU A 3 15.82 -16.01 8.69
CA LEU A 3 16.14 -15.30 7.44
C LEU A 3 15.73 -13.82 7.46
N SER A 4 16.60 -12.94 7.00
CA SER A 4 16.27 -11.52 6.98
C SER A 4 15.32 -11.20 5.82
N ALA A 5 14.87 -9.96 5.74
CA ALA A 5 13.97 -9.54 4.67
C ALA A 5 14.71 -9.54 3.35
N HIS A 6 16.00 -9.23 3.40
CA HIS A 6 16.83 -9.19 2.20
C HIS A 6 17.15 -10.59 1.67
N GLU A 7 17.47 -11.51 2.57
CA GLU A 7 17.77 -12.87 2.16
C GLU A 7 16.52 -13.46 1.50
N ILE A 8 15.35 -13.28 2.13
CA ILE A 8 14.10 -13.79 1.57
C ILE A 8 13.92 -13.33 0.13
N ARG A 9 14.25 -12.05 -0.12
CA ARG A 9 14.14 -11.46 -1.45
C ARG A 9 15.16 -12.12 -2.39
N GLU A 10 16.44 -11.88 -2.15
CA GLU A 10 17.48 -12.46 -2.99
C GLU A 10 17.15 -13.91 -3.39
N LEU A 11 16.82 -14.74 -2.39
CA LEU A 11 16.47 -16.14 -2.64
C LEU A 11 15.30 -16.28 -3.59
N PHE A 12 14.23 -15.55 -3.31
CA PHE A 12 13.03 -15.60 -4.14
C PHE A 12 13.39 -15.37 -5.60
N LEU A 13 13.99 -14.20 -5.84
CA LEU A 13 14.41 -13.76 -7.17
C LEU A 13 15.39 -14.71 -7.84
N SER A 14 16.12 -15.47 -7.04
CA SER A 14 17.11 -16.42 -7.54
C SER A 14 16.48 -17.79 -7.75
N PHE A 15 15.35 -18.03 -7.11
CA PHE A 15 14.68 -19.33 -7.24
C PHE A 15 14.06 -19.51 -8.60
N PHE A 16 13.27 -18.53 -9.03
CA PHE A 16 12.59 -18.61 -10.31
C PHE A 16 13.48 -18.50 -11.55
N GLU A 17 14.73 -18.08 -11.35
CA GLU A 17 15.67 -17.98 -12.46
C GLU A 17 16.05 -19.43 -12.72
N LYS A 18 16.19 -20.18 -11.63
CA LYS A 18 16.56 -21.58 -11.68
C LYS A 18 15.42 -22.39 -12.28
N LYS A 19 14.43 -21.68 -12.81
CA LYS A 19 13.29 -22.31 -13.45
C LYS A 19 12.99 -21.65 -14.79
N GLY A 20 13.82 -20.67 -15.17
CA GLY A 20 13.63 -20.00 -16.44
C GLY A 20 13.18 -18.56 -16.38
N HIS A 21 12.40 -18.23 -15.37
CA HIS A 21 11.88 -16.88 -15.18
C HIS A 21 13.07 -15.94 -15.18
N THR A 22 12.94 -14.82 -15.88
CA THR A 22 14.00 -13.83 -15.94
C THR A 22 13.86 -12.95 -14.71
N ARG A 23 14.83 -12.08 -14.48
CA ARG A 23 14.76 -11.17 -13.35
C ARG A 23 14.53 -9.77 -13.89
N VAL A 24 13.28 -9.34 -13.93
CA VAL A 24 12.95 -8.01 -14.40
C VAL A 24 13.23 -7.00 -13.30
N LYS A 25 14.15 -6.08 -13.58
CA LYS A 25 14.52 -5.05 -12.62
C LYS A 25 13.21 -4.42 -12.13
N SER A 26 13.24 -3.79 -10.96
CA SER A 26 12.01 -3.18 -10.45
C SER A 26 11.73 -1.95 -11.30
N ALA A 27 10.47 -1.79 -11.69
CA ALA A 27 10.08 -0.63 -12.49
C ALA A 27 9.76 0.49 -11.53
N PRO A 28 9.98 1.75 -11.94
CA PRO A 28 9.67 2.85 -11.04
C PRO A 28 8.18 2.93 -10.70
N LEU A 29 7.88 3.14 -9.43
CA LEU A 29 6.52 3.25 -8.94
C LEU A 29 5.67 4.15 -9.85
N VAL A 30 6.31 5.06 -10.56
CA VAL A 30 5.59 5.98 -11.45
C VAL A 30 5.76 5.54 -12.90
N PRO A 31 4.73 4.91 -13.48
CA PRO A 31 4.78 4.44 -14.87
C PRO A 31 5.01 5.58 -15.85
N GLU A 32 6.18 5.57 -16.50
CA GLU A 32 6.55 6.61 -17.45
C GLU A 32 5.39 7.06 -18.33
N ASN A 33 4.65 6.09 -18.89
CA ASN A 33 3.54 6.46 -19.77
C ASN A 33 2.23 5.75 -19.45
N ASP A 34 1.75 5.98 -18.24
CA ASP A 34 0.52 5.38 -17.78
C ASP A 34 -0.19 6.45 -16.97
N PRO A 35 -0.74 7.46 -17.65
CA PRO A 35 -1.45 8.52 -16.96
C PRO A 35 -2.63 7.90 -16.24
N THR A 36 -2.78 6.60 -16.44
CA THR A 36 -3.84 5.81 -15.83
C THR A 36 -3.75 5.83 -14.32
N LEU A 37 -2.73 5.13 -13.83
CA LEU A 37 -2.47 4.95 -12.42
C LEU A 37 -1.16 5.61 -12.00
N LEU A 38 -1.23 6.62 -11.14
CA LEU A 38 -0.03 7.31 -10.68
C LEU A 38 1.02 6.30 -10.26
N PHE A 39 0.85 5.74 -9.07
CA PHE A 39 1.78 4.76 -8.53
C PHE A 39 1.43 3.32 -8.85
N VAL A 40 2.46 2.48 -8.97
CA VAL A 40 2.25 1.07 -9.25
C VAL A 40 1.80 0.42 -7.96
N ASN A 41 0.87 -0.51 -8.05
CA ASN A 41 0.39 -1.17 -6.86
C ASN A 41 0.81 -2.63 -6.72
N ALA A 42 0.95 -3.32 -7.85
CA ALA A 42 1.36 -4.72 -7.80
C ALA A 42 2.41 -5.07 -8.85
N GLY A 43 3.07 -6.20 -8.65
CA GLY A 43 4.10 -6.65 -9.58
C GLY A 43 3.67 -6.77 -11.03
N MET A 44 2.40 -7.05 -11.26
CA MET A 44 1.88 -7.22 -12.62
C MET A 44 1.70 -5.93 -13.41
N VAL A 45 1.33 -4.84 -12.73
CA VAL A 45 1.09 -3.54 -13.37
C VAL A 45 2.04 -3.22 -14.54
N PRO A 46 3.36 -3.29 -14.32
CA PRO A 46 4.32 -2.99 -15.39
C PRO A 46 4.29 -3.96 -16.58
N PHE A 47 3.67 -5.11 -16.37
CA PHE A 47 3.61 -6.11 -17.43
C PHE A 47 2.21 -6.26 -18.01
N LYS A 48 1.32 -5.33 -17.69
CA LYS A 48 -0.07 -5.38 -18.14
C LYS A 48 -0.28 -5.59 -19.65
N ASN A 49 0.53 -4.97 -20.48
CA ASN A 49 0.40 -5.12 -21.91
C ASN A 49 0.87 -6.50 -22.34
N VAL A 50 2.07 -6.90 -21.89
CA VAL A 50 2.64 -8.20 -22.18
C VAL A 50 1.64 -9.33 -21.95
N PHE A 51 0.88 -9.23 -20.85
CA PHE A 51 -0.12 -10.22 -20.49
C PHE A 51 -1.17 -10.29 -21.58
N LEU A 52 -1.70 -9.12 -21.92
CA LEU A 52 -2.71 -9.04 -22.97
C LEU A 52 -2.07 -9.55 -24.25
N GLY A 53 -0.85 -9.13 -24.49
CA GLY A 53 -0.14 -9.59 -25.67
C GLY A 53 0.21 -8.48 -26.63
N LEU A 54 0.25 -7.25 -26.14
CA LEU A 54 0.60 -6.10 -26.97
C LEU A 54 2.11 -5.85 -26.95
N GLU A 55 2.73 -6.02 -25.80
CA GLU A 55 4.17 -5.84 -25.70
C GLU A 55 4.85 -7.18 -25.88
N LYS A 56 5.77 -7.23 -26.83
CA LYS A 56 6.53 -8.45 -27.07
C LYS A 56 7.38 -8.73 -25.83
N ARG A 57 8.19 -9.77 -25.89
CA ARG A 57 9.04 -10.13 -24.76
C ARG A 57 10.00 -11.27 -25.14
N PRO A 58 11.30 -11.06 -24.90
CA PRO A 58 12.33 -12.05 -25.21
C PRO A 58 12.08 -13.36 -24.50
N TYR A 59 11.47 -13.28 -23.33
CA TYR A 59 11.21 -14.46 -22.52
C TYR A 59 9.74 -14.84 -22.46
N LYS A 60 9.40 -15.83 -21.65
CA LYS A 60 8.01 -16.28 -21.51
C LYS A 60 7.67 -16.40 -20.03
N ARG A 61 8.68 -16.18 -19.20
CA ARG A 61 8.54 -16.24 -17.76
C ARG A 61 9.34 -15.07 -17.17
N ALA A 62 8.89 -14.53 -16.04
CA ALA A 62 9.60 -13.43 -15.39
C ALA A 62 9.22 -13.23 -13.92
N THR A 63 10.24 -13.16 -13.07
CA THR A 63 10.03 -12.96 -11.64
C THR A 63 10.46 -11.55 -11.25
N SER A 64 10.21 -11.16 -10.00
CA SER A 64 10.56 -9.81 -9.56
C SER A 64 10.08 -9.45 -8.14
N CYS A 65 10.41 -8.22 -7.75
CA CYS A 65 10.00 -7.65 -6.45
C CYS A 65 9.66 -6.20 -6.75
N GLN A 66 8.38 -5.92 -6.96
CA GLN A 66 7.96 -4.57 -7.29
C GLN A 66 7.68 -3.65 -6.11
N LYS A 67 8.03 -2.37 -6.30
CA LYS A 67 7.82 -1.34 -5.30
C LYS A 67 6.38 -0.97 -5.56
N CYS A 68 5.61 -0.76 -4.49
CA CYS A 68 4.20 -0.43 -4.64
C CYS A 68 3.68 0.56 -3.62
N LEU A 69 2.69 1.33 -4.05
CA LEU A 69 2.05 2.30 -3.18
C LEU A 69 0.56 2.12 -3.31
N ARG A 70 -0.09 1.72 -2.21
CA ARG A 70 -1.53 1.55 -2.24
C ARG A 70 -2.22 2.63 -1.41
N VAL A 71 -1.95 3.88 -1.78
CA VAL A 71 -2.52 5.05 -1.11
C VAL A 71 -3.69 5.57 -1.94
N SER A 72 -4.37 4.70 -2.67
CA SER A 72 -5.44 5.21 -3.49
C SER A 72 -6.47 4.20 -4.01
N GLY A 73 -7.74 4.62 -3.94
CA GLY A 73 -8.87 3.83 -4.40
C GLY A 73 -9.10 2.44 -3.87
N LYS A 74 -9.45 1.54 -4.79
CA LYS A 74 -9.72 0.15 -4.46
C LYS A 74 -8.56 -0.40 -3.64
N HIS A 75 -7.34 -0.17 -4.13
CA HIS A 75 -6.13 -0.60 -3.42
C HIS A 75 -5.66 0.66 -2.71
N ASN A 76 -6.32 1.00 -1.61
CA ASN A 76 -6.00 2.19 -0.82
C ASN A 76 -6.06 1.86 0.67
N ASP A 77 -4.94 1.38 1.21
CA ASP A 77 -4.83 0.99 2.62
C ASP A 77 -4.44 2.18 3.50
N LEU A 78 -4.26 3.33 2.87
CA LEU A 78 -3.88 4.55 3.59
C LEU A 78 -4.77 4.88 4.77
N GLU A 79 -6.07 4.90 4.51
CA GLU A 79 -7.04 5.24 5.54
C GLU A 79 -6.81 4.53 6.85
N GLN A 80 -6.26 3.31 6.78
CA GLN A 80 -5.99 2.50 7.97
C GLN A 80 -4.53 2.44 8.42
N VAL A 81 -3.61 2.95 7.59
CA VAL A 81 -2.18 2.93 7.93
C VAL A 81 -1.89 3.45 9.34
N GLY A 82 -1.33 2.59 10.17
CA GLY A 82 -0.99 2.97 11.54
C GLY A 82 -1.99 2.47 12.55
N TYR A 83 -3.17 2.09 12.07
CA TYR A 83 -4.24 1.61 12.93
C TYR A 83 -4.33 0.09 12.95
N THR A 84 -3.33 -0.57 12.37
CA THR A 84 -3.29 -2.03 12.38
C THR A 84 -1.83 -2.45 12.46
N SER A 85 -1.52 -3.59 11.88
CA SER A 85 -0.15 -4.11 11.86
C SER A 85 0.15 -4.84 10.55
N ARG A 86 -0.68 -4.62 9.54
CA ARG A 86 -0.51 -5.28 8.23
C ARG A 86 -0.68 -4.34 7.04
N HIS A 87 -1.12 -3.12 7.30
CA HIS A 87 -1.35 -2.16 6.21
C HIS A 87 -0.23 -1.17 5.98
N HIS A 88 0.16 -1.04 4.72
CA HIS A 88 1.25 -0.13 4.36
C HIS A 88 0.92 0.69 3.13
N THR A 89 1.60 1.81 2.96
CA THR A 89 1.44 2.62 1.76
C THR A 89 2.44 1.94 0.83
N PHE A 90 3.72 2.16 1.07
CA PHE A 90 4.78 1.55 0.26
C PHE A 90 5.08 0.11 0.71
N PHE A 91 5.15 -0.81 -0.25
CA PHE A 91 5.45 -2.19 0.08
C PHE A 91 6.10 -2.92 -1.09
N GLU A 92 6.75 -4.04 -0.79
CA GLU A 92 7.42 -4.85 -1.80
C GLU A 92 6.64 -6.11 -2.12
N MET A 93 6.41 -6.35 -3.40
CA MET A 93 5.66 -7.52 -3.82
C MET A 93 6.53 -8.49 -4.61
N LEU A 94 6.58 -9.72 -4.12
CA LEU A 94 7.35 -10.77 -4.77
C LEU A 94 6.39 -11.48 -5.74
N GLY A 95 6.95 -12.28 -6.63
CA GLY A 95 6.11 -12.99 -7.57
C GLY A 95 6.86 -13.63 -8.73
N ASN A 96 6.08 -14.16 -9.67
CA ASN A 96 6.58 -14.78 -10.87
C ASN A 96 5.47 -14.66 -11.91
N PHE A 97 5.83 -14.55 -13.18
CA PHE A 97 4.84 -14.39 -14.21
C PHE A 97 5.04 -15.28 -15.42
N SER A 98 3.89 -15.63 -16.01
CA SER A 98 3.83 -16.47 -17.19
C SER A 98 2.92 -15.78 -18.20
N PHE A 99 3.31 -15.89 -19.47
CA PHE A 99 2.57 -15.28 -20.58
C PHE A 99 2.27 -16.36 -21.61
N GLY A 100 1.07 -16.92 -21.53
CA GLY A 100 0.66 -17.96 -22.46
C GLY A 100 1.56 -19.19 -22.42
N ASP A 101 2.37 -19.29 -21.36
CA ASP A 101 3.29 -20.40 -21.16
C ASP A 101 2.72 -21.37 -20.13
N TYR A 102 3.47 -21.68 -19.08
CA TYR A 102 2.99 -22.60 -18.04
C TYR A 102 1.75 -22.06 -17.32
N PHE A 103 0.91 -22.93 -16.78
CA PHE A 103 -0.30 -22.47 -16.10
C PHE A 103 -0.44 -22.96 -14.67
N LYS A 104 -1.67 -23.31 -14.30
CA LYS A 104 -1.98 -23.77 -12.95
C LYS A 104 -0.98 -24.73 -12.30
N LYS A 105 -0.77 -25.89 -12.92
CA LYS A 105 0.15 -26.90 -12.40
C LYS A 105 1.52 -26.33 -12.01
N GLU A 106 2.29 -25.89 -13.00
CA GLU A 106 3.62 -25.32 -12.75
C GLU A 106 3.59 -24.26 -11.62
N ALA A 107 2.72 -23.27 -11.76
CA ALA A 107 2.58 -22.20 -10.78
C ALA A 107 2.29 -22.76 -9.39
N ILE A 108 1.53 -23.85 -9.37
CA ILE A 108 1.16 -24.51 -8.13
C ILE A 108 2.33 -25.29 -7.54
N GLU A 109 3.13 -25.93 -8.39
CA GLU A 109 4.27 -26.67 -7.89
C GLU A 109 5.41 -25.72 -7.55
N TYR A 110 5.71 -24.79 -8.45
CA TYR A 110 6.79 -23.82 -8.23
C TYR A 110 6.60 -23.04 -6.93
N ALA A 111 5.35 -22.86 -6.53
CA ALA A 111 5.02 -22.14 -5.30
C ALA A 111 4.88 -23.09 -4.13
N TRP A 112 4.99 -24.38 -4.40
CA TRP A 112 4.88 -25.36 -3.34
C TRP A 112 6.24 -25.79 -2.88
N GLU A 113 7.25 -25.57 -3.71
CA GLU A 113 8.59 -25.98 -3.34
C GLU A 113 9.29 -24.91 -2.52
N PHE A 114 9.16 -23.67 -2.98
CA PHE A 114 9.79 -22.53 -2.34
C PHE A 114 9.23 -22.29 -0.95
N VAL A 115 8.12 -22.94 -0.63
CA VAL A 115 7.49 -22.78 0.66
C VAL A 115 7.80 -23.91 1.63
N THR A 116 7.97 -25.11 1.10
CA THR A 116 8.23 -26.27 1.95
C THR A 116 9.63 -26.85 1.89
N GLU A 117 10.39 -26.51 0.86
CA GLU A 117 11.74 -27.05 0.71
C GLU A 117 12.85 -26.01 0.51
N VAL A 118 12.50 -24.73 0.50
CA VAL A 118 13.48 -23.65 0.31
C VAL A 118 13.50 -22.59 1.41
N LEU A 119 12.32 -22.22 1.92
CA LEU A 119 12.20 -21.25 2.99
C LEU A 119 12.16 -22.02 4.31
N LYS A 120 11.87 -23.32 4.21
CA LYS A 120 11.83 -24.22 5.36
C LYS A 120 10.59 -24.13 6.24
N LEU A 121 9.56 -23.47 5.73
CA LEU A 121 8.31 -23.35 6.48
C LEU A 121 7.62 -24.71 6.50
N PRO A 122 6.96 -25.05 7.61
CA PRO A 122 6.26 -26.33 7.73
C PRO A 122 5.24 -26.58 6.63
N LYS A 123 4.85 -27.85 6.49
CA LYS A 123 3.89 -28.24 5.47
C LYS A 123 2.57 -28.75 6.05
N GLU A 124 2.48 -28.88 7.37
CA GLU A 124 1.25 -29.35 8.01
C GLU A 124 0.40 -28.23 8.60
N LYS A 125 0.95 -27.03 8.63
CA LYS A 125 0.22 -25.90 9.18
C LYS A 125 -0.20 -24.92 8.11
N LEU A 126 -0.38 -25.43 6.89
CA LEU A 126 -0.78 -24.57 5.79
C LEU A 126 -2.15 -24.94 5.22
N TYR A 127 -2.94 -23.92 4.86
CA TYR A 127 -4.28 -24.10 4.31
C TYR A 127 -4.40 -23.39 2.95
N VAL A 128 -4.75 -24.14 1.90
CA VAL A 128 -4.91 -23.57 0.58
C VAL A 128 -6.38 -23.31 0.25
N SER A 129 -6.63 -22.28 -0.57
CA SER A 129 -7.99 -21.91 -0.99
C SER A 129 -8.03 -21.71 -2.51
N VAL A 130 -9.04 -22.31 -3.15
CA VAL A 130 -9.22 -22.23 -4.60
C VAL A 130 -10.68 -21.91 -4.94
N TYR A 131 -10.93 -21.72 -6.24
CA TYR A 131 -12.26 -21.46 -6.83
C TYR A 131 -13.10 -22.67 -6.44
N LYS A 132 -14.29 -22.47 -5.84
CA LYS A 132 -15.12 -23.61 -5.43
C LYS A 132 -15.17 -24.82 -6.37
N ASP A 133 -15.98 -24.73 -7.43
CA ASP A 133 -16.13 -25.82 -8.41
C ASP A 133 -14.88 -26.08 -9.24
N ASP A 134 -13.72 -25.67 -8.74
CA ASP A 134 -12.46 -25.85 -9.48
C ASP A 134 -11.94 -27.26 -9.36
N GLU A 135 -12.68 -28.21 -9.91
CA GLU A 135 -12.26 -29.60 -9.87
C GLU A 135 -10.86 -29.70 -10.51
N GLU A 136 -10.52 -28.67 -11.29
CA GLU A 136 -9.23 -28.59 -11.96
C GLU A 136 -8.11 -28.19 -10.99
N ALA A 137 -8.38 -27.20 -10.14
CA ALA A 137 -7.39 -26.71 -9.18
C ALA A 137 -7.42 -27.46 -7.85
N TYR A 138 -8.62 -27.87 -7.44
CA TYR A 138 -8.78 -28.60 -6.20
C TYR A 138 -8.07 -29.94 -6.35
N ARG A 139 -8.07 -30.47 -7.57
CA ARG A 139 -7.42 -31.75 -7.83
C ARG A 139 -5.91 -31.63 -7.78
N ILE A 140 -5.38 -30.56 -8.37
CA ILE A 140 -3.93 -30.33 -8.37
C ILE A 140 -3.39 -30.30 -6.93
N TRP A 141 -3.84 -29.32 -6.14
CA TRP A 141 -3.41 -29.17 -4.75
C TRP A 141 -3.54 -30.46 -3.95
N ASN A 142 -4.70 -31.10 -4.08
CA ASN A 142 -5.00 -32.33 -3.37
C ASN A 142 -4.23 -33.58 -3.79
N GLU A 143 -4.32 -33.93 -5.08
CA GLU A 143 -3.66 -35.13 -5.60
C GLU A 143 -2.17 -35.00 -5.87
N HIS A 144 -1.83 -34.38 -6.99
CA HIS A 144 -0.42 -34.22 -7.34
C HIS A 144 0.37 -33.60 -6.18
N ILE A 145 0.04 -32.36 -5.83
CA ILE A 145 0.71 -31.65 -4.76
C ILE A 145 0.72 -32.41 -3.44
N GLY A 146 -0.44 -32.96 -3.08
CA GLY A 146 -0.53 -33.72 -1.85
C GLY A 146 -1.10 -33.00 -0.64
N ILE A 147 -1.69 -31.82 -0.83
CA ILE A 147 -2.27 -31.09 0.29
C ILE A 147 -3.50 -31.86 0.75
N PRO A 148 -3.62 -32.11 2.07
CA PRO A 148 -4.79 -32.84 2.57
C PRO A 148 -6.08 -32.07 2.24
N SER A 149 -7.08 -32.78 1.74
CA SER A 149 -8.35 -32.18 1.37
C SER A 149 -9.00 -31.43 2.53
N GLU A 150 -8.58 -31.77 3.75
CA GLU A 150 -9.10 -31.17 4.96
C GLU A 150 -8.57 -29.75 5.21
N ARG A 151 -7.72 -29.30 4.30
CA ARG A 151 -7.14 -27.96 4.39
C ARG A 151 -7.26 -27.21 3.06
N ILE A 152 -8.38 -27.43 2.37
CA ILE A 152 -8.63 -26.73 1.11
C ILE A 152 -10.05 -26.20 1.14
N TRP A 153 -10.20 -24.87 1.16
CA TRP A 153 -11.52 -24.27 1.17
C TRP A 153 -11.93 -23.93 -0.26
N ARG A 154 -13.23 -23.70 -0.44
CA ARG A 154 -13.81 -23.35 -1.74
C ARG A 154 -14.54 -22.02 -1.55
N LEU A 155 -13.94 -20.94 -2.02
CA LEU A 155 -14.55 -19.64 -1.83
C LEU A 155 -15.14 -19.00 -3.08
N GLY A 156 -15.77 -17.84 -2.90
CA GLY A 156 -16.38 -17.15 -4.03
C GLY A 156 -15.53 -16.01 -4.54
N GLU A 157 -16.07 -15.26 -5.48
CA GLU A 157 -15.39 -14.14 -6.10
C GLU A 157 -14.77 -13.17 -5.09
N GLU A 158 -15.53 -12.82 -4.04
CA GLU A 158 -15.01 -11.91 -3.01
C GLU A 158 -13.80 -12.54 -2.31
N ASP A 159 -13.32 -13.65 -2.84
CA ASP A 159 -12.20 -14.33 -2.23
C ASP A 159 -11.26 -15.00 -3.24
N ASN A 160 -11.74 -15.25 -4.46
CA ASN A 160 -10.90 -15.89 -5.48
C ASN A 160 -11.25 -15.66 -6.95
N PHE A 161 -11.45 -14.41 -7.37
CA PHE A 161 -11.73 -14.12 -8.78
C PHE A 161 -11.04 -12.81 -9.15
N TRP A 162 -9.76 -12.92 -9.50
CA TRP A 162 -8.96 -11.76 -9.87
C TRP A 162 -9.28 -11.25 -11.28
N GLN A 163 -9.63 -9.98 -11.39
CA GLN A 163 -9.91 -9.39 -12.69
C GLN A 163 -9.11 -8.12 -12.84
N MET A 164 -8.43 -7.98 -13.97
CA MET A 164 -7.60 -6.82 -14.26
C MET A 164 -8.47 -5.56 -14.25
N GLY A 165 -9.72 -5.73 -14.69
CA GLY A 165 -10.65 -4.62 -14.74
C GLY A 165 -12.09 -5.07 -14.91
N ASP A 166 -13.01 -4.10 -14.90
CA ASP A 166 -14.42 -4.40 -15.05
C ASP A 166 -14.64 -5.21 -16.32
N VAL A 167 -13.64 -5.24 -17.19
CA VAL A 167 -13.69 -5.96 -18.46
C VAL A 167 -12.30 -6.40 -18.91
N GLY A 168 -11.89 -7.62 -18.58
CA GLY A 168 -10.57 -8.03 -18.98
C GLY A 168 -10.06 -9.40 -18.58
N PRO A 169 -8.75 -9.66 -18.78
CA PRO A 169 -8.18 -10.96 -18.41
C PRO A 169 -8.40 -11.22 -16.94
N CYS A 170 -9.11 -12.31 -16.66
CA CYS A 170 -9.44 -12.71 -15.30
C CYS A 170 -9.43 -14.21 -15.27
N GLY A 171 -9.53 -14.76 -14.06
CA GLY A 171 -9.54 -16.19 -13.93
C GLY A 171 -9.61 -16.63 -12.49
N PRO A 172 -9.40 -17.93 -12.25
CA PRO A 172 -9.43 -18.49 -10.90
C PRO A 172 -8.13 -18.14 -10.17
N SER A 173 -8.26 -17.72 -8.91
CA SER A 173 -7.12 -17.33 -8.08
C SER A 173 -7.08 -18.21 -6.84
N SER A 174 -5.97 -18.89 -6.62
CA SER A 174 -5.82 -19.74 -5.46
C SER A 174 -4.74 -19.14 -4.57
N GLU A 175 -5.02 -19.05 -3.28
CA GLU A 175 -4.06 -18.48 -2.33
C GLU A 175 -3.47 -19.59 -1.45
N ILE A 176 -2.42 -19.25 -0.69
CA ILE A 176 -1.75 -20.19 0.20
C ILE A 176 -1.74 -19.56 1.60
N TYR A 177 -2.24 -20.29 2.60
CA TYR A 177 -2.29 -19.77 3.95
C TYR A 177 -1.36 -20.55 4.89
N VAL A 178 -0.89 -19.88 5.94
CA VAL A 178 -0.01 -20.49 6.92
C VAL A 178 -0.56 -20.25 8.31
N ASP A 179 -0.74 -21.34 9.05
CA ASP A 179 -1.28 -21.26 10.40
C ASP A 179 -0.23 -20.73 11.37
N ARG A 180 -0.67 -19.97 12.37
CA ARG A 180 0.29 -19.40 13.32
C ARG A 180 -0.02 -19.56 14.81
N GLY A 181 -0.48 -20.72 15.22
CA GLY A 181 -0.75 -20.94 16.64
C GLY A 181 -2.17 -20.71 17.10
N GLU A 182 -2.65 -21.61 17.95
CA GLU A 182 -4.01 -21.54 18.46
C GLU A 182 -4.32 -20.26 19.23
N GLU A 183 -3.31 -19.65 19.84
CA GLU A 183 -3.52 -18.42 20.60
C GLU A 183 -4.38 -17.45 19.82
N TYR A 184 -3.84 -16.93 18.74
CA TYR A 184 -4.59 -16.00 17.93
C TYR A 184 -5.51 -16.83 17.06
N GLU A 185 -6.06 -16.21 16.08
CA GLU A 185 -6.97 -16.85 15.14
C GLU A 185 -7.32 -15.90 13.99
N GLY A 186 -8.28 -16.26 13.17
CA GLY A 186 -8.65 -15.40 12.06
C GLY A 186 -7.61 -15.28 10.96
N ASP A 187 -7.59 -14.12 10.30
CA ASP A 187 -6.67 -13.83 9.22
C ASP A 187 -5.28 -13.52 9.78
N GLU A 188 -5.16 -13.58 11.10
CA GLU A 188 -3.89 -13.32 11.77
C GLU A 188 -3.23 -14.65 12.15
N ARG A 189 -4.04 -15.72 12.24
CA ARG A 189 -3.49 -17.02 12.56
C ARG A 189 -3.08 -17.64 11.23
N TYR A 190 -4.00 -17.58 10.27
CA TYR A 190 -3.73 -18.07 8.94
C TYR A 190 -3.39 -16.84 8.13
N LEU A 191 -2.16 -16.75 7.67
CA LEU A 191 -1.73 -15.60 6.90
C LEU A 191 -1.56 -15.93 5.44
N GLU A 192 -2.36 -15.28 4.59
CA GLU A 192 -2.29 -15.47 3.15
C GLU A 192 -1.00 -14.81 2.70
N ILE A 193 0.07 -15.58 2.68
CA ILE A 193 1.39 -15.11 2.29
C ILE A 193 1.65 -15.35 0.82
N TRP A 194 0.61 -15.68 0.07
CA TRP A 194 0.77 -15.93 -1.35
C TRP A 194 -0.55 -16.00 -2.10
N ASN A 195 -0.59 -15.33 -3.24
CA ASN A 195 -1.75 -15.28 -4.13
C ASN A 195 -1.32 -15.59 -5.55
N LEU A 196 -1.75 -16.75 -6.06
CA LEU A 196 -1.42 -17.19 -7.42
C LEU A 196 -2.65 -16.99 -8.28
N VAL A 197 -2.58 -16.03 -9.21
CA VAL A 197 -3.71 -15.74 -10.10
C VAL A 197 -3.55 -16.41 -11.46
N PHE A 198 -4.62 -17.08 -11.92
CA PHE A 198 -4.58 -17.76 -13.21
C PHE A 198 -5.46 -17.13 -14.28
N MET A 199 -4.93 -16.13 -15.00
CA MET A 199 -5.66 -15.44 -16.06
C MET A 199 -6.16 -16.48 -17.07
N GLN A 200 -7.43 -16.83 -16.92
CA GLN A 200 -8.03 -17.84 -17.75
C GLN A 200 -9.02 -17.33 -18.79
N TYR A 201 -9.82 -16.35 -18.43
CA TYR A 201 -10.83 -15.86 -19.34
C TYR A 201 -10.78 -14.40 -19.81
N ASN A 202 -11.59 -14.14 -20.82
CA ASN A 202 -11.70 -12.81 -21.39
C ASN A 202 -13.07 -12.30 -20.95
N ARG A 203 -13.06 -11.36 -20.02
CA ARG A 203 -14.29 -10.78 -19.54
C ARG A 203 -14.59 -9.60 -20.47
N ASP A 204 -15.55 -9.76 -21.38
CA ASP A 204 -15.87 -8.69 -22.31
C ASP A 204 -16.56 -7.52 -21.64
N GLU A 205 -17.10 -6.62 -22.45
CA GLU A 205 -17.80 -5.44 -21.93
C GLU A 205 -18.73 -5.82 -20.78
N ASN A 206 -19.21 -7.06 -20.81
CA ASN A 206 -20.09 -7.62 -19.76
C ASN A 206 -19.33 -8.70 -19.01
N GLY A 207 -20.06 -9.69 -18.51
CA GLY A 207 -19.44 -10.77 -17.77
C GLY A 207 -19.26 -12.05 -18.57
N VAL A 208 -19.39 -11.95 -19.89
CA VAL A 208 -19.25 -13.09 -20.80
C VAL A 208 -17.79 -13.53 -20.93
N LEU A 209 -17.41 -14.59 -20.20
CA LEU A 209 -16.05 -15.09 -20.22
C LEU A 209 -15.71 -16.13 -21.28
N THR A 210 -14.63 -15.88 -22.01
CA THR A 210 -14.14 -16.81 -23.04
C THR A 210 -12.76 -17.27 -22.63
N PRO A 211 -12.47 -18.55 -22.83
CA PRO A 211 -11.14 -19.06 -22.47
C PRO A 211 -10.07 -18.38 -23.32
N LEU A 212 -8.82 -18.50 -22.90
CA LEU A 212 -7.71 -17.90 -23.62
C LEU A 212 -6.76 -19.00 -24.07
N PRO A 213 -6.60 -19.21 -25.38
CA PRO A 213 -5.69 -20.27 -25.83
C PRO A 213 -4.24 -20.00 -25.41
N HIS A 214 -4.07 -19.03 -24.52
CA HIS A 214 -2.77 -18.64 -24.00
C HIS A 214 -2.94 -18.03 -22.61
N PRO A 215 -3.52 -18.79 -21.67
CA PRO A 215 -3.72 -18.26 -20.30
C PRO A 215 -2.45 -17.72 -19.63
N ASN A 216 -2.60 -16.69 -18.80
CA ASN A 216 -1.45 -16.09 -18.13
C ASN A 216 -1.36 -16.38 -16.63
N ILE A 217 -0.22 -16.08 -16.05
CA ILE A 217 -0.01 -16.28 -14.61
C ILE A 217 0.35 -14.93 -13.99
N ASP A 218 -0.07 -14.73 -12.74
CA ASP A 218 0.21 -13.49 -12.01
C ASP A 218 0.09 -13.80 -10.53
N THR A 219 1.22 -13.82 -9.83
CA THR A 219 1.23 -14.11 -8.40
C THR A 219 1.81 -12.94 -7.62
N GLY A 220 1.50 -12.89 -6.32
CA GLY A 220 2.00 -11.82 -5.48
C GLY A 220 2.22 -12.28 -4.05
N MET A 221 3.19 -11.67 -3.39
CA MET A 221 3.52 -11.98 -2.00
C MET A 221 4.18 -10.77 -1.34
N GLY A 222 3.42 -10.04 -0.54
CA GLY A 222 3.99 -8.90 0.14
C GLY A 222 5.17 -9.34 0.97
N LEU A 223 6.36 -8.85 0.64
CA LEU A 223 7.58 -9.19 1.36
C LEU A 223 7.43 -9.04 2.85
N GLU A 224 7.10 -7.81 3.28
CA GLU A 224 6.93 -7.51 4.69
C GLU A 224 6.11 -8.56 5.41
N ARG A 225 5.05 -9.04 4.77
CA ARG A 225 4.19 -10.04 5.39
C ARG A 225 4.91 -11.38 5.64
N ILE A 226 5.55 -11.94 4.63
CA ILE A 226 6.25 -13.22 4.80
C ILE A 226 7.50 -13.05 5.65
N ALA A 227 8.18 -11.92 5.50
CA ALA A 227 9.39 -11.70 6.26
C ALA A 227 9.11 -11.45 7.74
N SER A 228 7.88 -11.76 8.17
CA SER A 228 7.48 -11.58 9.56
C SER A 228 7.24 -12.93 10.24
N VAL A 229 6.47 -13.79 9.57
CA VAL A 229 6.16 -15.12 10.11
C VAL A 229 7.45 -15.91 10.33
N LEU A 230 8.39 -15.76 9.41
CA LEU A 230 9.67 -16.46 9.49
C LEU A 230 10.45 -16.01 10.70
N GLN A 231 10.39 -14.71 10.95
CA GLN A 231 11.08 -14.08 12.07
C GLN A 231 10.34 -14.32 13.37
N GLY A 232 9.06 -14.66 13.29
CA GLY A 232 8.28 -14.92 14.49
C GLY A 232 7.59 -13.72 15.13
N LYS A 233 7.50 -12.60 14.42
CA LYS A 233 6.86 -11.40 14.95
C LYS A 233 5.39 -11.30 14.57
N ASN A 234 4.56 -10.80 15.49
CA ASN A 234 3.14 -10.65 15.24
C ASN A 234 2.84 -9.31 14.59
N SER A 235 3.92 -8.58 14.28
CA SER A 235 3.84 -7.28 13.66
C SER A 235 4.84 -7.24 12.51
N ASN A 236 4.37 -6.86 11.32
CA ASN A 236 5.20 -6.75 10.12
C ASN A 236 6.23 -5.64 10.31
N PHE A 237 5.99 -4.80 11.31
CA PHE A 237 6.85 -3.67 11.59
C PHE A 237 8.01 -4.02 12.52
N GLU A 238 7.85 -5.11 13.27
CA GLU A 238 8.87 -5.56 14.21
C GLU A 238 9.95 -6.37 13.50
N ILE A 239 10.13 -6.12 12.20
CA ILE A 239 11.15 -6.83 11.43
C ILE A 239 12.36 -5.92 11.20
N ASP A 240 13.51 -6.53 10.95
CA ASP A 240 14.74 -5.79 10.75
C ASP A 240 14.65 -4.60 9.79
N ILE A 241 13.96 -4.75 8.68
CA ILE A 241 13.87 -3.68 7.71
C ILE A 241 12.96 -2.50 8.08
N ILE A 242 12.11 -2.67 9.09
CA ILE A 242 11.22 -1.59 9.48
C ILE A 242 11.30 -1.21 10.95
N PHE A 243 11.78 -2.14 11.78
CA PHE A 243 11.88 -1.91 13.22
C PHE A 243 12.73 -0.72 13.65
N PRO A 244 13.94 -0.57 13.06
CA PRO A 244 14.80 0.55 13.43
C PRO A 244 14.10 1.87 13.19
N LEU A 245 13.05 1.83 12.38
CA LEU A 245 12.27 3.02 12.06
C LEU A 245 11.36 3.37 13.22
N ILE A 246 10.90 2.34 13.94
CA ILE A 246 10.06 2.56 15.12
C ILE A 246 11.00 3.10 16.17
N GLN A 247 12.26 2.73 16.03
CA GLN A 247 13.28 3.19 16.97
C GLN A 247 13.74 4.59 16.59
N PHE A 248 13.25 5.09 15.47
CA PHE A 248 13.62 6.44 15.06
C PHE A 248 12.67 7.44 15.70
N GLY A 249 11.44 7.00 15.92
CA GLY A 249 10.44 7.86 16.54
C GLY A 249 10.67 7.96 18.03
N GLU A 250 10.84 6.83 18.68
CA GLU A 250 11.07 6.78 20.12
C GLU A 250 12.22 7.68 20.52
N GLU A 251 13.29 7.66 19.72
CA GLU A 251 14.46 8.47 20.01
C GLU A 251 14.16 9.97 19.90
N VAL A 252 13.56 10.36 18.78
CA VAL A 252 13.19 11.74 18.48
C VAL A 252 12.02 12.23 19.30
N SER A 253 11.04 11.37 19.52
CA SER A 253 9.85 11.77 20.28
C SER A 253 10.12 11.84 21.77
N GLY A 254 10.00 10.70 22.44
CA GLY A 254 10.22 10.63 23.87
C GLY A 254 9.33 9.56 24.48
N LYS A 255 8.59 8.87 23.62
CA LYS A 255 7.69 7.80 24.04
C LYS A 255 8.28 6.46 23.64
N LYS A 256 7.64 5.38 24.09
CA LYS A 256 8.09 4.02 23.79
C LYS A 256 7.08 3.21 22.98
N TYR A 257 7.56 2.15 22.34
CA TYR A 257 6.71 1.29 21.55
C TYR A 257 6.16 0.15 22.41
N GLY A 258 4.85 0.04 22.48
CA GLY A 258 4.22 -1.00 23.27
C GLY A 258 3.75 -0.57 24.65
N GLU A 259 2.98 0.52 24.72
CA GLU A 259 2.47 1.02 25.99
C GLU A 259 1.05 1.54 25.82
N LYS A 260 0.87 2.46 24.87
CA LYS A 260 -0.44 3.03 24.61
C LYS A 260 -0.83 2.81 23.16
N PHE A 261 -2.11 2.59 22.92
CA PHE A 261 -2.55 2.38 21.56
C PHE A 261 -2.19 3.57 20.67
N GLU A 262 -2.92 4.66 20.76
CA GLU A 262 -2.64 5.82 19.91
C GLU A 262 -1.18 6.22 19.81
N THR A 263 -0.43 5.93 20.86
CA THR A 263 0.99 6.25 20.84
C THR A 263 1.68 5.26 19.90
N ASP A 264 1.23 4.01 19.92
CA ASP A 264 1.80 2.98 19.05
C ASP A 264 1.38 3.22 17.60
N VAL A 265 0.28 3.93 17.42
CA VAL A 265 -0.23 4.24 16.10
C VAL A 265 0.62 5.29 15.39
N ALA A 266 0.91 6.38 16.09
CA ALA A 266 1.73 7.46 15.54
C ALA A 266 3.12 6.95 15.17
N LEU A 267 3.65 6.06 16.00
CA LEU A 267 4.98 5.50 15.75
C LEU A 267 5.05 4.71 14.47
N ARG A 268 4.03 3.91 14.21
CA ARG A 268 3.95 3.08 13.00
C ARG A 268 3.72 3.98 11.78
N VAL A 269 3.08 5.13 11.98
CA VAL A 269 2.82 6.08 10.91
C VAL A 269 4.17 6.61 10.45
N ILE A 270 4.96 7.13 11.38
CA ILE A 270 6.25 7.68 11.03
C ILE A 270 7.12 6.65 10.28
N ALA A 271 7.16 5.42 10.76
CA ALA A 271 7.96 4.39 10.11
C ALA A 271 7.46 4.09 8.70
N ASP A 272 6.14 4.03 8.58
CA ASP A 272 5.49 3.74 7.31
C ASP A 272 5.61 4.88 6.30
N HIS A 273 5.46 6.11 6.76
CA HIS A 273 5.53 7.23 5.84
C HIS A 273 6.95 7.70 5.50
N LEU A 274 7.96 7.19 6.21
CA LEU A 274 9.34 7.57 5.93
C LEU A 274 9.84 6.78 4.73
N ARG A 275 9.35 5.54 4.64
CA ARG A 275 9.70 4.62 3.56
C ARG A 275 8.99 5.08 2.28
N ALA A 276 7.78 5.59 2.44
CA ALA A 276 6.98 6.05 1.31
C ALA A 276 7.52 7.29 0.63
N ILE A 277 7.74 8.35 1.38
CA ILE A 277 8.24 9.58 0.79
C ILE A 277 9.61 9.43 0.13
N THR A 278 10.51 8.68 0.77
CA THR A 278 11.88 8.44 0.28
C THR A 278 11.93 7.65 -1.02
N PHE A 279 11.10 6.63 -1.13
CA PHE A 279 11.06 5.84 -2.33
C PHE A 279 10.36 6.63 -3.42
N ALA A 280 9.40 7.45 -3.03
CA ALA A 280 8.68 8.27 -3.98
C ALA A 280 9.58 9.35 -4.55
N ILE A 281 10.01 10.26 -3.69
CA ILE A 281 10.86 11.36 -4.09
C ILE A 281 12.10 10.86 -4.85
N SER A 282 12.46 9.61 -4.62
CA SER A 282 13.61 9.01 -5.28
C SER A 282 13.29 8.70 -6.75
N ASP A 283 12.04 8.35 -7.04
CA ASP A 283 11.63 8.03 -8.41
C ASP A 283 11.15 9.26 -9.20
N GLY A 284 11.56 10.45 -8.76
CA GLY A 284 11.20 11.67 -9.45
C GLY A 284 10.03 12.51 -8.95
N VAL A 285 9.17 11.92 -8.13
CA VAL A 285 8.01 12.63 -7.62
C VAL A 285 8.40 13.87 -6.83
N ILE A 286 7.75 14.98 -7.17
CA ILE A 286 8.00 16.26 -6.52
C ILE A 286 6.70 16.74 -5.89
N PRO A 287 6.70 16.94 -4.56
CA PRO A 287 5.49 17.41 -3.87
C PRO A 287 4.93 18.66 -4.51
N SER A 288 3.61 18.70 -4.68
CA SER A 288 2.92 19.85 -5.24
C SER A 288 1.48 19.86 -4.74
N ASN A 289 0.73 20.89 -5.14
CA ASN A 289 -0.66 21.04 -4.74
C ASN A 289 -1.58 20.30 -5.70
N GLU A 290 -0.99 19.37 -6.45
CA GLU A 290 -1.77 18.61 -7.42
C GLU A 290 -1.40 17.14 -7.43
N GLY A 291 -2.43 16.31 -7.57
CA GLY A 291 -2.30 14.87 -7.61
C GLY A 291 -1.13 14.20 -6.91
N ARG A 292 -0.28 13.60 -7.72
CA ARG A 292 0.90 12.87 -7.25
C ARG A 292 1.66 13.67 -6.20
N GLY A 293 2.05 14.89 -6.55
CA GLY A 293 2.79 15.75 -5.62
C GLY A 293 1.98 16.05 -4.37
N TYR A 294 0.67 15.90 -4.47
CA TYR A 294 -0.20 16.15 -3.32
C TYR A 294 -0.35 14.86 -2.51
N VAL A 295 -0.09 13.73 -3.15
CA VAL A 295 -0.18 12.43 -2.47
C VAL A 295 0.93 12.35 -1.43
N ILE A 296 2.18 12.40 -1.90
CA ILE A 296 3.34 12.35 -1.01
C ILE A 296 3.24 13.48 0.00
N ARG A 297 2.61 14.57 -0.41
CA ARG A 297 2.44 15.72 0.47
C ARG A 297 1.56 15.35 1.65
N ARG A 298 0.51 14.56 1.39
CA ARG A 298 -0.40 14.12 2.45
C ARG A 298 0.22 13.03 3.30
N ILE A 299 1.07 12.20 2.67
CA ILE A 299 1.75 11.13 3.39
C ILE A 299 2.84 11.76 4.24
N LEU A 300 3.36 12.89 3.78
CA LEU A 300 4.41 13.57 4.52
C LEU A 300 3.78 14.41 5.63
N ARG A 301 2.73 15.17 5.28
CA ARG A 301 2.00 16.04 6.18
C ARG A 301 1.41 15.27 7.34
N ARG A 302 0.96 14.05 7.09
CA ARG A 302 0.39 13.19 8.11
C ARG A 302 1.48 12.82 9.10
N ALA A 303 2.67 12.55 8.58
CA ALA A 303 3.81 12.19 9.40
C ALA A 303 4.23 13.36 10.29
N MET A 304 4.03 14.57 9.79
CA MET A 304 4.37 15.77 10.52
C MET A 304 3.37 16.07 11.60
N ARG A 305 2.15 15.58 11.41
CA ARG A 305 1.08 15.80 12.36
C ARG A 305 1.10 14.76 13.47
N PHE A 306 1.27 13.50 13.10
CA PHE A 306 1.34 12.42 14.08
C PHE A 306 2.56 12.57 14.97
N GLY A 307 3.68 12.96 14.35
CA GLY A 307 4.91 13.15 15.11
C GLY A 307 4.65 14.22 16.15
N TYR A 308 4.21 15.38 15.68
CA TYR A 308 3.89 16.50 16.55
C TYR A 308 3.13 15.97 17.77
N LYS A 309 2.10 15.17 17.54
CA LYS A 309 1.32 14.59 18.64
C LYS A 309 2.25 14.04 19.71
N LEU A 310 3.25 13.29 19.25
CA LEU A 310 4.25 12.67 20.11
C LEU A 310 5.07 13.70 20.86
N GLY A 311 5.04 14.95 20.39
CA GLY A 311 5.78 16.02 21.05
C GLY A 311 7.02 16.48 20.31
N ILE A 312 7.22 16.01 19.07
CA ILE A 312 8.40 16.39 18.29
C ILE A 312 8.27 17.78 17.70
N GLU A 313 8.45 18.80 18.54
CA GLU A 313 8.33 20.19 18.11
C GLU A 313 8.98 20.57 16.78
N ASN A 314 10.20 20.10 16.51
CA ASN A 314 10.88 20.46 15.26
C ASN A 314 10.84 19.38 14.19
N PRO A 315 11.19 19.74 12.96
CA PRO A 315 11.21 18.76 11.86
C PRO A 315 11.95 17.52 12.33
N PHE A 316 11.56 16.35 11.84
CA PHE A 316 12.22 15.12 12.27
C PHE A 316 12.28 14.06 11.21
N LEU A 317 11.49 14.22 10.15
CA LEU A 317 11.47 13.22 9.10
C LEU A 317 12.73 13.25 8.24
N TYR A 318 13.28 14.43 8.03
CA TYR A 318 14.47 14.57 7.20
C TYR A 318 15.63 13.73 7.73
N LYS A 319 15.55 13.33 8.99
CA LYS A 319 16.55 12.52 9.65
C LYS A 319 16.20 11.05 9.44
N GLY A 320 15.12 10.83 8.69
CA GLY A 320 14.67 9.48 8.40
C GLY A 320 15.11 9.03 7.02
N VAL A 321 14.93 9.90 6.04
CA VAL A 321 15.32 9.62 4.66
C VAL A 321 16.77 9.13 4.56
N ASP A 322 17.69 9.79 5.28
CA ASP A 322 19.10 9.41 5.26
C ASP A 322 19.30 8.12 6.08
N LEU A 323 18.19 7.47 6.42
CA LEU A 323 18.20 6.23 7.19
C LEU A 323 17.56 5.07 6.41
N VAL A 324 16.57 5.38 5.60
CA VAL A 324 15.90 4.36 4.82
C VAL A 324 16.88 3.76 3.81
N VAL A 325 17.94 4.52 3.54
CA VAL A 325 18.97 4.12 2.59
C VAL A 325 19.68 2.83 3.01
N ASP A 326 20.28 2.84 4.21
CA ASP A 326 21.01 1.69 4.71
C ASP A 326 20.16 0.43 4.85
N ILE A 327 18.89 0.64 5.20
CA ILE A 327 17.93 -0.44 5.38
C ILE A 327 17.39 -0.96 4.06
N MET A 328 17.69 -0.27 2.96
CA MET A 328 17.19 -0.70 1.65
C MET A 328 18.15 -0.48 0.49
N LYS A 329 19.45 -0.33 0.78
CA LYS A 329 20.41 -0.10 -0.30
C LYS A 329 20.93 -1.37 -0.95
N GLU A 330 20.79 -2.51 -0.28
CA GLU A 330 21.27 -3.75 -0.85
C GLU A 330 20.51 -4.08 -2.13
N PRO A 331 19.16 -4.04 -2.08
CA PRO A 331 18.35 -4.35 -3.26
C PRO A 331 18.26 -3.16 -4.22
N TYR A 332 17.99 -1.98 -3.66
CA TYR A 332 17.88 -0.76 -4.45
C TYR A 332 19.07 0.15 -4.16
N PRO A 333 20.21 -0.11 -4.84
CA PRO A 333 21.42 0.69 -4.65
C PRO A 333 21.28 2.16 -5.03
N GLU A 334 20.51 2.42 -6.08
CA GLU A 334 20.30 3.79 -6.57
C GLU A 334 19.72 4.71 -5.51
N LEU A 335 19.42 4.17 -4.33
CA LEU A 335 18.87 4.97 -3.25
C LEU A 335 19.92 5.85 -2.58
N GLU A 336 21.18 5.62 -2.91
CA GLU A 336 22.28 6.39 -2.34
C GLU A 336 22.62 7.63 -3.16
N LEU A 337 22.36 7.57 -4.45
CA LEU A 337 22.64 8.67 -5.35
C LEU A 337 21.63 9.79 -5.09
N SER A 338 20.36 9.42 -5.00
CA SER A 338 19.31 10.40 -4.77
C SER A 338 19.19 10.83 -3.31
N ARG A 339 19.87 10.10 -2.41
CA ARG A 339 19.85 10.39 -0.99
C ARG A 339 19.76 11.88 -0.69
N GLU A 340 20.91 12.58 -0.70
CA GLU A 340 20.93 14.00 -0.42
C GLU A 340 19.78 14.77 -1.06
N PHE A 341 19.41 14.39 -2.29
CA PHE A 341 18.32 15.06 -3.00
C PHE A 341 16.98 14.88 -2.28
N VAL A 342 16.75 13.66 -1.80
CA VAL A 342 15.52 13.35 -1.11
C VAL A 342 15.54 14.03 0.27
N LYS A 343 16.74 14.14 0.84
CA LYS A 343 16.85 14.74 2.16
C LYS A 343 16.42 16.22 2.18
N GLY A 344 16.77 16.95 1.12
CA GLY A 344 16.40 18.34 1.02
C GLY A 344 14.94 18.52 0.61
N ILE A 345 14.44 17.58 -0.18
CA ILE A 345 13.06 17.62 -0.62
C ILE A 345 12.16 17.42 0.61
N VAL A 346 12.46 16.40 1.39
CA VAL A 346 11.69 16.10 2.59
C VAL A 346 11.84 17.15 3.71
N LYS A 347 13.01 17.77 3.78
CA LYS A 347 13.27 18.77 4.80
C LYS A 347 12.52 20.06 4.45
N GLY A 348 12.19 20.22 3.17
CA GLY A 348 11.44 21.38 2.73
C GLY A 348 10.01 21.33 3.22
N GLU A 349 9.36 20.19 3.05
CA GLU A 349 7.97 20.04 3.48
C GLU A 349 7.88 20.15 5.01
N GLU A 350 9.04 20.16 5.66
CA GLU A 350 9.15 20.27 7.11
C GLU A 350 9.39 21.72 7.53
N LYS A 351 10.54 22.28 7.15
CA LYS A 351 10.82 23.66 7.49
C LYS A 351 9.77 24.52 6.80
N ARG A 352 9.59 24.29 5.50
CA ARG A 352 8.62 25.05 4.72
C ARG A 352 7.21 24.55 5.06
N PHE A 353 7.04 23.81 6.27
CA PHE A 353 5.67 23.35 6.50
C PHE A 353 5.44 22.92 7.93
N ILE A 354 6.22 23.13 8.93
CA ILE A 354 5.94 22.68 10.30
C ILE A 354 5.02 23.56 11.17
N LYS A 355 5.27 24.86 11.23
CA LYS A 355 4.47 25.75 12.06
C LYS A 355 3.01 25.96 11.61
N THR A 356 2.74 25.80 10.33
CA THR A 356 1.38 25.97 9.86
C THR A 356 0.52 24.82 10.36
N LEU A 357 1.14 23.64 10.45
CA LEU A 357 0.46 22.46 10.95
C LEU A 357 0.13 22.68 12.43
N LYS A 358 1.00 23.39 13.14
CA LYS A 358 0.77 23.66 14.54
C LYS A 358 -0.43 24.60 14.66
N ALA A 359 -0.27 25.84 14.18
CA ALA A 359 -1.35 26.84 14.21
C ALA A 359 -2.62 26.27 13.60
N GLY A 360 -2.50 25.14 12.91
CA GLY A 360 -3.65 24.52 12.31
C GLY A 360 -4.20 23.43 13.20
N MET A 361 -3.45 23.08 14.24
CA MET A 361 -3.87 22.05 15.18
C MET A 361 -4.66 22.68 16.32
N GLU A 362 -4.12 23.73 16.94
CA GLU A 362 -4.83 24.38 18.03
C GLU A 362 -6.22 24.76 17.55
N TYR A 363 -6.31 25.04 16.26
CA TYR A 363 -7.57 25.42 15.61
C TYR A 363 -8.60 24.29 15.65
N ILE A 364 -8.17 23.10 15.24
CA ILE A 364 -9.01 21.93 15.20
C ILE A 364 -9.46 21.46 16.56
N GLN A 365 -8.62 21.64 17.57
CA GLN A 365 -8.98 21.21 18.92
C GLN A 365 -10.01 22.17 19.49
N GLU A 366 -9.86 23.44 19.18
CA GLU A 366 -10.80 24.43 19.70
C GLU A 366 -12.16 24.34 19.02
N VAL A 367 -12.16 24.23 17.69
CA VAL A 367 -13.42 24.14 16.95
C VAL A 367 -14.15 22.85 17.30
N ILE A 368 -13.40 21.83 17.73
CA ILE A 368 -13.98 20.56 18.12
C ILE A 368 -14.54 20.68 19.54
N GLN A 369 -13.72 21.21 20.45
CA GLN A 369 -14.15 21.39 21.82
C GLN A 369 -15.38 22.32 21.91
N LYS A 370 -15.39 23.35 21.07
CA LYS A 370 -16.49 24.32 21.04
C LYS A 370 -17.75 23.67 20.51
N ALA A 371 -17.56 22.67 19.65
CA ALA A 371 -18.63 21.92 19.01
C ALA A 371 -19.20 20.87 19.94
N LEU A 372 -18.36 19.90 20.27
CA LEU A 372 -18.77 18.80 21.13
C LEU A 372 -19.26 19.33 22.48
N GLU A 373 -19.01 20.60 22.76
CA GLU A 373 -19.49 21.19 24.00
C GLU A 373 -21.00 21.37 23.83
N GLU A 374 -21.40 21.94 22.69
CA GLU A 374 -22.80 22.19 22.39
C GLU A 374 -23.49 20.99 21.72
N GLY A 375 -22.83 19.84 21.79
CA GLY A 375 -23.39 18.62 21.24
C GLY A 375 -23.48 18.50 19.73
N ARG A 376 -22.82 19.40 19.00
CA ARG A 376 -22.83 19.39 17.54
C ARG A 376 -22.02 18.19 17.06
N LYS A 377 -22.69 17.24 16.40
CA LYS A 377 -22.04 16.02 15.92
C LYS A 377 -20.91 16.26 14.93
N THR A 378 -21.08 17.20 14.03
CA THR A 378 -20.04 17.47 13.06
C THR A 378 -19.66 18.93 13.06
N LEU A 379 -18.54 19.22 12.42
CA LEU A 379 -18.03 20.57 12.28
C LEU A 379 -18.59 21.03 10.94
N SER A 380 -19.07 22.27 10.85
CA SER A 380 -19.63 22.75 9.61
C SER A 380 -18.61 22.61 8.47
N GLY A 381 -19.07 22.80 7.24
CA GLY A 381 -18.18 22.70 6.10
C GLY A 381 -17.29 23.92 6.10
N LYS A 382 -17.75 24.95 6.81
CA LYS A 382 -17.01 26.18 6.92
C LYS A 382 -15.93 26.00 7.98
N GLU A 383 -16.14 25.09 8.93
CA GLU A 383 -15.13 24.85 9.95
C GLU A 383 -14.06 23.91 9.42
N VAL A 384 -14.31 23.32 8.27
CA VAL A 384 -13.35 22.42 7.66
C VAL A 384 -12.60 23.17 6.56
N PHE A 385 -13.32 24.00 5.82
CA PHE A 385 -12.72 24.80 4.75
C PHE A 385 -11.53 25.65 5.25
N THR A 386 -11.74 26.40 6.33
CA THR A 386 -10.69 27.25 6.92
C THR A 386 -9.39 26.46 7.15
N ALA A 387 -9.51 25.21 7.58
CA ALA A 387 -8.32 24.38 7.82
C ALA A 387 -7.68 23.98 6.49
N TYR A 388 -8.53 23.75 5.49
CA TYR A 388 -8.13 23.35 4.15
C TYR A 388 -7.45 24.49 3.40
N ASP A 389 -7.86 25.74 3.68
CA ASP A 389 -7.33 26.93 3.00
C ASP A 389 -6.28 27.73 3.80
N THR A 390 -6.70 28.31 4.91
CA THR A 390 -5.81 29.10 5.76
C THR A 390 -4.60 28.31 6.26
N TYR A 391 -4.73 27.00 6.36
CA TYR A 391 -3.64 26.17 6.85
C TYR A 391 -3.24 25.06 5.87
N GLY A 392 -3.96 24.93 4.76
CA GLY A 392 -3.64 23.92 3.77
C GLY A 392 -3.80 22.48 4.25
N PHE A 393 -4.76 22.26 5.15
CA PHE A 393 -5.02 20.93 5.67
C PHE A 393 -5.77 20.08 4.66
N PRO A 394 -5.25 18.88 4.35
CA PRO A 394 -5.93 18.00 3.39
C PRO A 394 -7.27 17.59 3.97
N VAL A 395 -8.28 17.47 3.12
CA VAL A 395 -9.61 17.09 3.58
C VAL A 395 -9.63 15.70 4.18
N ASP A 396 -8.43 15.12 4.32
CA ASP A 396 -8.29 13.78 4.86
C ASP A 396 -7.75 13.84 6.28
N LEU A 397 -6.73 14.67 6.47
CA LEU A 397 -6.08 14.85 7.77
C LEU A 397 -7.03 15.43 8.80
N ILE A 398 -7.93 16.29 8.34
CA ILE A 398 -8.91 16.93 9.21
C ILE A 398 -9.89 15.86 9.67
N ASP A 399 -10.34 15.05 8.72
CA ASP A 399 -11.30 13.99 8.99
C ASP A 399 -10.74 12.92 9.92
N GLU A 400 -9.42 12.93 10.12
CA GLU A 400 -8.76 11.96 10.98
C GLU A 400 -8.74 12.46 12.42
N ILE A 401 -8.07 13.58 12.61
CA ILE A 401 -7.94 14.20 13.92
C ILE A 401 -9.32 14.40 14.55
N ALA A 402 -10.32 14.72 13.73
CA ALA A 402 -11.68 14.93 14.20
C ALA A 402 -12.32 13.61 14.62
N ARG A 403 -11.85 12.52 14.04
CA ARG A 403 -12.37 11.19 14.35
C ARG A 403 -11.79 10.67 15.66
N GLU A 404 -10.71 11.30 16.11
CA GLU A 404 -10.03 10.90 17.35
C GLU A 404 -10.81 11.40 18.57
N LYS A 405 -11.61 12.46 18.38
CA LYS A 405 -12.42 12.98 19.46
C LYS A 405 -13.78 12.33 19.37
N GLY A 406 -14.28 12.24 18.15
CA GLY A 406 -15.59 11.64 17.94
C GLY A 406 -16.45 12.42 16.99
N LEU A 407 -16.02 13.60 16.60
CA LEU A 407 -16.82 14.42 15.69
C LEU A 407 -16.27 14.31 14.28
N GLY A 408 -17.14 14.05 13.32
CA GLY A 408 -16.68 13.96 11.95
C GLY A 408 -16.84 15.30 11.30
N ILE A 409 -16.79 15.32 9.97
CA ILE A 409 -16.99 16.57 9.25
C ILE A 409 -18.08 16.38 8.23
N ASP A 410 -18.99 17.34 8.18
CA ASP A 410 -20.10 17.32 7.24
C ASP A 410 -19.55 17.76 5.90
N LEU A 411 -19.62 16.86 4.93
CA LEU A 411 -19.11 17.16 3.61
C LEU A 411 -20.03 18.10 2.85
N GLU A 412 -21.31 17.76 2.80
CA GLU A 412 -22.28 18.57 2.09
C GLU A 412 -22.06 20.07 2.32
N GLY A 413 -21.85 20.44 3.58
CA GLY A 413 -21.61 21.84 3.90
C GLY A 413 -20.32 22.29 3.26
N PHE A 414 -19.28 21.46 3.39
CA PHE A 414 -17.97 21.74 2.81
C PHE A 414 -18.17 22.01 1.33
N GLN A 415 -19.01 21.20 0.70
CA GLN A 415 -19.32 21.36 -0.72
C GLN A 415 -19.82 22.80 -0.99
N CYS A 416 -20.91 23.18 -0.32
CA CYS A 416 -21.47 24.52 -0.50
C CYS A 416 -20.39 25.59 -0.32
N GLU A 417 -19.63 25.47 0.76
CA GLU A 417 -18.56 26.41 1.05
C GLU A 417 -17.58 26.53 -0.14
N LEU A 418 -17.31 25.40 -0.80
CA LEU A 418 -16.42 25.36 -1.97
C LEU A 418 -17.04 26.13 -3.13
N GLU A 419 -18.34 25.97 -3.30
CA GLU A 419 -19.03 26.66 -4.35
C GLU A 419 -19.04 28.16 -4.06
N GLU A 420 -19.57 28.55 -2.91
CA GLU A 420 -19.63 29.97 -2.54
C GLU A 420 -18.28 30.65 -2.68
N GLN A 421 -17.21 29.95 -2.34
CA GLN A 421 -15.88 30.51 -2.46
C GLN A 421 -15.58 30.69 -3.94
N ARG A 422 -15.46 29.58 -4.67
CA ARG A 422 -15.18 29.63 -6.11
C ARG A 422 -16.11 30.67 -6.73
N GLU A 423 -17.41 30.54 -6.47
CA GLU A 423 -18.42 31.48 -6.97
C GLU A 423 -17.96 32.89 -6.67
N ARG A 424 -17.52 33.11 -5.43
CA ARG A 424 -17.03 34.41 -4.99
C ARG A 424 -16.06 34.98 -6.01
N ALA A 425 -14.99 34.22 -6.26
CA ALA A 425 -13.95 34.61 -7.20
C ALA A 425 -14.52 35.11 -8.52
N ARG A 426 -15.45 34.34 -9.09
CA ARG A 426 -16.09 34.67 -10.36
C ARG A 426 -17.09 35.82 -10.25
N LYS A 427 -17.20 36.41 -9.07
CA LYS A 427 -18.11 37.52 -8.84
C LYS A 427 -17.44 38.50 -7.88
N HIS A 428 -17.57 38.25 -6.58
CA HIS A 428 -16.98 39.09 -5.55
C HIS A 428 -15.48 39.30 -5.78
N PRO A 438 -2.43 22.05 -14.18
CA PRO A 438 -3.21 22.62 -13.06
C PRO A 438 -4.38 21.73 -12.67
N VAL A 439 -4.87 21.88 -11.44
CA VAL A 439 -6.00 21.07 -10.99
C VAL A 439 -7.32 21.78 -11.28
N TYR A 440 -8.16 21.13 -12.08
CA TYR A 440 -9.46 21.67 -12.47
C TYR A 440 -10.63 20.73 -12.10
N SER A 441 -11.51 21.21 -11.20
CA SER A 441 -12.65 20.42 -10.74
C SER A 441 -13.98 20.65 -11.45
N HIS A 442 -14.98 19.91 -10.97
CA HIS A 442 -16.35 19.96 -11.44
C HIS A 442 -17.12 20.65 -10.29
N LEU A 443 -18.33 21.18 -10.57
CA LEU A 443 -19.13 21.85 -9.52
C LEU A 443 -20.15 20.85 -8.97
N LYS A 444 -19.63 19.86 -8.26
CA LYS A 444 -20.39 18.78 -7.65
C LYS A 444 -19.31 17.80 -7.20
N GLU A 445 -18.13 17.94 -7.80
CA GLU A 445 -16.99 17.09 -7.48
C GLU A 445 -16.00 17.98 -6.77
N LEU A 446 -16.51 19.03 -6.16
CA LEU A 446 -15.68 19.95 -5.41
C LEU A 446 -15.20 19.20 -4.17
N GLY A 447 -16.14 18.77 -3.34
CA GLY A 447 -15.77 18.05 -2.14
C GLY A 447 -14.98 16.81 -2.50
N LYS A 448 -15.47 16.09 -3.50
CA LYS A 448 -14.87 14.89 -4.02
C LYS A 448 -13.43 15.15 -4.41
N THR A 449 -13.24 16.05 -5.36
CA THR A 449 -11.91 16.42 -5.86
C THR A 449 -11.03 17.08 -4.80
N SER A 450 -11.56 18.06 -4.06
CA SER A 450 -10.78 18.79 -3.06
C SER A 450 -10.02 17.90 -2.06
N ALA A 451 -10.44 16.65 -1.93
CA ALA A 451 -9.80 15.70 -1.03
C ALA A 451 -8.60 15.03 -1.72
N PHE A 452 -8.28 15.49 -2.92
CA PHE A 452 -7.13 14.93 -3.64
C PHE A 452 -6.12 16.03 -4.03
N VAL A 453 -6.49 17.28 -3.82
CA VAL A 453 -5.61 18.40 -4.12
C VAL A 453 -5.74 19.44 -3.00
N GLY A 454 -5.02 20.55 -3.13
CA GLY A 454 -5.10 21.59 -2.11
C GLY A 454 -6.10 22.65 -2.51
N ALA A 455 -6.25 23.69 -1.68
CA ALA A 455 -7.20 24.76 -1.99
C ALA A 455 -6.62 25.66 -3.08
N ALA A 456 -5.30 25.75 -3.14
CA ALA A 456 -4.62 26.58 -4.14
C ALA A 456 -4.49 25.78 -5.44
N ALA A 457 -5.35 24.79 -5.58
CA ALA A 457 -5.37 23.93 -6.76
C ALA A 457 -6.75 24.03 -7.41
N LEU A 458 -7.74 24.38 -6.60
CA LEU A 458 -9.11 24.52 -7.10
C LEU A 458 -9.27 25.89 -7.76
#